data_7D2G
#
_entry.id   7D2G
#
_cell.length_a   126.057
_cell.length_b   33.410
_cell.length_c   73.631
_cell.angle_alpha   90.000
_cell.angle_beta   111.250
_cell.angle_gamma   90.000
#
_symmetry.space_group_name_H-M   'C 1 2 1'
#
loop_
_entity.id
_entity.type
_entity.pdbx_description
1 polymer Liprin-alpha-2
2 non-polymer GLYCEROL
3 water water
#
_entity_poly.entity_id   1
_entity_poly.type   'polypeptide(L)'
_entity_poly.pdbx_seq_one_letter_code
;GPGSEFEFAA(MSE)TKELNACREQLLEKEEEISELKAERNNTRLLLEHLEALVSRHER
;
_entity_poly.pdbx_strand_id   A,B,C,D
#
loop_
_chem_comp.id
_chem_comp.type
_chem_comp.name
_chem_comp.formula
GOL non-polymer GLYCEROL 'C3 H8 O3'
#
# COMPACT_ATOMS: atom_id res chain seq x y z
N GLY A 3 -5.01 24.90 12.96
CA GLY A 3 -4.09 24.54 14.03
C GLY A 3 -4.83 24.02 15.26
N SER A 4 -5.87 23.22 15.02
CA SER A 4 -6.67 22.66 16.10
C SER A 4 -5.87 21.71 16.98
N GLU A 5 -6.41 21.42 18.17
CA GLU A 5 -5.76 20.52 19.11
C GLU A 5 -5.74 19.08 18.57
N PHE A 6 -6.86 18.67 17.98
CA PHE A 6 -7.02 17.30 17.52
C PHE A 6 -6.73 17.18 16.02
N GLU A 7 -6.08 18.18 15.46
CA GLU A 7 -5.81 18.23 14.02
C GLU A 7 -4.82 17.14 13.59
N PHE A 8 -3.78 16.94 14.39
CA PHE A 8 -2.75 15.95 14.09
C PHE A 8 -3.33 14.54 14.04
N ALA A 9 -4.16 14.22 15.02
CA ALA A 9 -4.81 12.92 15.10
C ALA A 9 -5.79 12.73 13.96
N ALA A 10 -6.45 13.81 13.57
CA ALA A 10 -7.45 13.77 12.49
C ALA A 10 -6.77 13.55 11.15
N MSE A 11 -5.64 14.22 10.94
CA MSE A 11 -4.87 14.06 9.71
C MSE A 11 -4.30 12.65 9.61
O MSE A 11 -4.27 12.05 8.52
CB MSE A 11 -3.74 15.10 9.65
CG MSE A 11 -2.77 14.90 8.52
SE MSE A 11 -3.64 14.94 6.78
CE MSE A 11 -4.18 16.80 6.73
N THR A 12 -3.86 12.11 10.73
CA THR A 12 -3.33 10.76 10.81
C THR A 12 -4.38 9.74 10.36
N LYS A 13 -5.59 9.91 10.87
CA LYS A 13 -6.68 9.01 10.56
C LYS A 13 -7.10 9.12 9.09
N GLU A 14 -7.07 10.33 8.57
CA GLU A 14 -7.48 10.57 7.19
C GLU A 14 -6.44 10.01 6.21
N LEU A 15 -5.17 10.11 6.56
CA LEU A 15 -4.11 9.57 5.72
C LEU A 15 -4.17 8.04 5.69
N ASN A 16 -4.43 7.43 6.85
CA ASN A 16 -4.56 5.99 6.94
C ASN A 16 -5.75 5.48 6.12
N ALA A 17 -6.85 6.23 6.15
CA ALA A 17 -8.04 5.87 5.38
C ALA A 17 -7.72 5.88 3.88
N CYS A 18 -7.02 6.91 3.43
CA CYS A 18 -6.64 7.02 2.03
C CYS A 18 -5.68 5.90 1.63
N ARG A 19 -4.73 5.59 2.51
CA ARG A 19 -3.79 4.49 2.26
C ARG A 19 -4.52 3.16 2.04
N GLU A 20 -5.54 2.91 2.85
CA GLU A 20 -6.30 1.68 2.78
C GLU A 20 -7.13 1.61 1.49
N GLN A 21 -7.68 2.74 1.09
CA GLN A 21 -8.45 2.84 -0.14
C GLN A 21 -7.55 2.61 -1.35
N LEU A 22 -6.35 3.17 -1.30
CA LEU A 22 -5.39 3.03 -2.39
C LEU A 22 -4.91 1.59 -2.55
N LEU A 23 -4.64 0.94 -1.43
CA LEU A 23 -4.18 -0.45 -1.47
C LEU A 23 -5.25 -1.36 -2.06
N GLU A 24 -6.50 -1.09 -1.71
CA GLU A 24 -7.63 -1.85 -2.20
C GLU A 24 -7.69 -1.81 -3.73
N LYS A 25 -7.47 -0.63 -4.29
CA LYS A 25 -7.47 -0.49 -5.75
C LYS A 25 -6.25 -1.16 -6.38
N GLU A 26 -5.09 -1.01 -5.74
CA GLU A 26 -3.86 -1.60 -6.27
C GLU A 26 -3.94 -3.13 -6.31
N GLU A 27 -4.58 -3.71 -5.30
CA GLU A 27 -4.75 -5.15 -5.24
C GLU A 27 -5.72 -5.63 -6.32
N GLU A 28 -6.75 -4.85 -6.60
CA GLU A 28 -7.70 -5.20 -7.65
C GLU A 28 -7.04 -5.10 -9.02
N ILE A 29 -6.19 -4.09 -9.19
CA ILE A 29 -5.44 -3.94 -10.44
C ILE A 29 -4.53 -5.16 -10.67
N SER A 30 -3.86 -5.61 -9.61
CA SER A 30 -2.97 -6.76 -9.71
C SER A 30 -3.74 -8.04 -10.06
N GLU A 31 -4.91 -8.21 -9.45
CA GLU A 31 -5.74 -9.38 -9.71
C GLU A 31 -6.28 -9.37 -11.13
N LEU A 32 -6.67 -8.20 -11.62
CA LEU A 32 -7.15 -8.06 -12.99
C LEU A 32 -6.04 -8.35 -13.99
N LYS A 33 -4.82 -7.90 -13.68
CA LYS A 33 -3.67 -8.16 -14.54
C LYS A 33 -3.29 -9.63 -14.52
N ALA A 34 -3.56 -10.30 -13.40
CA ALA A 34 -3.33 -11.73 -13.30
C ALA A 34 -4.29 -12.48 -14.22
N GLU A 35 -5.53 -12.04 -14.22
CA GLU A 35 -6.56 -12.61 -15.07
CA GLU A 35 -6.55 -12.63 -15.07
C GLU A 35 -6.24 -12.36 -16.54
N ARG A 36 -5.73 -11.17 -16.83
CA ARG A 36 -5.37 -10.80 -18.19
C ARG A 36 -4.21 -11.65 -18.68
N ASN A 37 -3.26 -11.94 -17.80
CA ASN A 37 -2.11 -12.77 -18.16
C ASN A 37 -2.53 -14.17 -18.59
N ASN A 38 -3.58 -14.69 -17.96
CA ASN A 38 -4.09 -16.02 -18.28
C ASN A 38 -4.62 -16.10 -19.71
N THR A 39 -5.46 -15.13 -20.08
CA THR A 39 -6.05 -15.11 -21.42
C THR A 39 -5.02 -14.71 -22.46
N ARG A 40 -4.07 -13.88 -22.05
CA ARG A 40 -3.00 -13.43 -22.94
CA ARG A 40 -3.00 -13.43 -22.95
C ARG A 40 -2.15 -14.60 -23.41
N LEU A 41 -1.80 -15.48 -22.47
CA LEU A 41 -1.02 -16.67 -22.79
C LEU A 41 -1.82 -17.64 -23.65
N LEU A 42 -3.13 -17.67 -23.43
CA LEU A 42 -4.00 -18.53 -24.23
C LEU A 42 -4.01 -18.09 -25.70
N LEU A 43 -4.24 -16.80 -25.91
CA LEU A 43 -4.28 -16.24 -27.26
C LEU A 43 -2.94 -16.41 -27.98
N GLU A 44 -1.85 -16.22 -27.24
CA GLU A 44 -0.51 -16.41 -27.80
C GLU A 44 -0.27 -17.87 -28.19
N HIS A 45 -0.85 -18.78 -27.41
CA HIS A 45 -0.77 -20.21 -27.70
C HIS A 45 -1.55 -20.53 -28.97
N LEU A 46 -2.74 -19.95 -29.06
CA LEU A 46 -3.61 -20.14 -30.22
C LEU A 46 -2.97 -19.56 -31.49
N GLU A 47 -2.34 -18.41 -31.35
CA GLU A 47 -1.67 -17.76 -32.47
C GLU A 47 -0.50 -18.59 -32.98
N ALA A 48 0.24 -19.18 -32.06
CA ALA A 48 1.40 -19.99 -32.41
C ALA A 48 1.00 -21.24 -33.19
N LEU A 49 -0.11 -21.85 -32.80
CA LEU A 49 -0.59 -23.07 -33.45
C LEU A 49 -1.04 -22.82 -34.88
N VAL A 50 -1.69 -21.67 -35.11
CA VAL A 50 -2.17 -21.33 -36.43
C VAL A 50 -1.04 -20.83 -37.32
N SER A 51 -0.12 -20.05 -36.74
CA SER A 51 1.02 -19.53 -37.48
C SER A 51 1.96 -20.65 -37.90
N ARG A 52 2.05 -21.69 -37.07
CA ARG A 52 2.87 -22.86 -37.38
C ARG A 52 2.31 -23.59 -38.58
N HIS A 53 0.98 -23.59 -38.69
CA HIS A 53 0.29 -24.28 -39.76
C HIS A 53 0.62 -23.67 -41.13
N PRO B 2 7.44 22.43 15.81
CA PRO B 2 8.74 22.25 15.18
C PRO B 2 8.84 20.93 14.44
N GLY B 3 9.01 19.84 15.18
CA GLY B 3 8.99 18.50 14.60
C GLY B 3 7.56 18.14 14.25
N SER B 4 6.62 18.73 14.99
CA SER B 4 5.20 18.53 14.74
C SER B 4 4.79 19.12 13.40
N GLU B 5 5.40 20.25 13.05
CA GLU B 5 5.12 20.92 11.79
C GLU B 5 5.67 20.13 10.61
N PHE B 6 6.91 19.66 10.75
CA PHE B 6 7.55 18.85 9.72
C PHE B 6 6.76 17.58 9.42
N GLU B 7 6.29 16.91 10.46
CA GLU B 7 5.55 15.67 10.32
C GLU B 7 4.16 15.89 9.75
N PHE B 8 3.51 16.98 10.18
CA PHE B 8 2.18 17.29 9.67
C PHE B 8 2.25 17.68 8.20
N ALA B 9 3.34 18.34 7.82
CA ALA B 9 3.58 18.72 6.43
C ALA B 9 3.81 17.47 5.58
N ALA B 10 4.50 16.49 6.16
CA ALA B 10 4.79 15.24 5.48
C ALA B 10 3.50 14.43 5.26
N MSE B 11 2.62 14.46 6.24
CA MSE B 11 1.34 13.76 6.12
C MSE B 11 0.46 14.41 5.06
O MSE B 11 -0.16 13.72 4.24
CB MSE B 11 0.60 13.74 7.46
CG MSE B 11 1.15 12.73 8.45
SE MSE B 11 -0.06 12.46 9.96
CE MSE B 11 0.03 14.25 10.75
N THR B 12 0.38 15.74 5.09
CA THR B 12 -0.39 16.50 4.11
C THR B 12 0.10 16.21 2.69
N LYS B 13 1.42 16.14 2.54
CA LYS B 13 2.03 15.86 1.25
C LYS B 13 1.64 14.47 0.75
N GLU B 14 1.72 13.47 1.61
CA GLU B 14 1.39 12.10 1.23
C GLU B 14 -0.10 11.95 0.94
N LEU B 15 -0.93 12.61 1.73
CA LEU B 15 -2.38 12.53 1.57
C LEU B 15 -2.81 13.05 0.21
N ASN B 16 -2.22 14.17 -0.21
CA ASN B 16 -2.51 14.75 -1.51
C ASN B 16 -2.09 13.83 -2.66
N ALA B 17 -0.89 13.25 -2.53
CA ALA B 17 -0.37 12.34 -3.55
C ALA B 17 -1.21 11.07 -3.62
N CYS B 18 -1.63 10.58 -2.46
CA CYS B 18 -2.47 9.39 -2.38
C CYS B 18 -3.82 9.61 -3.06
N ARG B 19 -4.41 10.77 -2.82
CA ARG B 19 -5.70 11.11 -3.41
C ARG B 19 -5.59 11.25 -4.93
N GLU B 20 -4.47 11.77 -5.40
CA GLU B 20 -4.21 11.84 -6.83
C GLU B 20 -4.18 10.44 -7.44
N GLN B 21 -3.59 9.50 -6.71
CA GLN B 21 -3.45 8.13 -7.19
C GLN B 21 -4.78 7.39 -7.18
N LEU B 22 -5.66 7.74 -6.25
CA LEU B 22 -6.98 7.12 -6.18
C LEU B 22 -7.72 7.25 -7.50
N LEU B 23 -7.71 8.47 -8.06
CA LEU B 23 -8.35 8.73 -9.34
C LEU B 23 -7.67 7.95 -10.46
N GLU B 24 -6.34 7.97 -10.48
CA GLU B 24 -5.57 7.28 -11.51
C GLU B 24 -5.79 5.77 -11.50
N LYS B 25 -5.78 5.18 -10.30
CA LYS B 25 -5.91 3.73 -10.18
C LYS B 25 -7.34 3.28 -10.50
N GLU B 26 -8.32 4.10 -10.14
CA GLU B 26 -9.71 3.79 -10.46
C GLU B 26 -9.92 3.80 -11.97
N GLU B 27 -9.25 4.74 -12.64
CA GLU B 27 -9.32 4.81 -14.10
C GLU B 27 -8.69 3.58 -14.73
N GLU B 28 -7.57 3.12 -14.16
CA GLU B 28 -6.89 1.93 -14.68
C GLU B 28 -7.76 0.68 -14.50
N ILE B 29 -8.44 0.60 -13.36
CA ILE B 29 -9.36 -0.51 -13.09
C ILE B 29 -10.45 -0.57 -14.17
N SER B 30 -11.00 0.59 -14.50
CA SER B 30 -12.02 0.67 -15.54
C SER B 30 -11.47 0.25 -16.90
N GLU B 31 -10.25 0.69 -17.19
CA GLU B 31 -9.58 0.32 -18.43
C GLU B 31 -9.41 -1.20 -18.52
N LEU B 32 -8.93 -1.79 -17.43
CA LEU B 32 -8.70 -3.22 -17.36
C LEU B 32 -10.00 -4.03 -17.49
N LYS B 33 -11.06 -3.54 -16.87
CA LYS B 33 -12.35 -4.22 -16.93
C LYS B 33 -12.94 -4.15 -18.34
N ALA B 34 -12.69 -3.05 -19.03
CA ALA B 34 -13.17 -2.89 -20.40
C ALA B 34 -12.38 -3.81 -21.34
N GLU B 35 -11.08 -3.92 -21.09
CA GLU B 35 -10.24 -4.82 -21.87
C GLU B 35 -10.64 -6.27 -21.61
N ARG B 36 -10.96 -6.57 -20.36
CA ARG B 36 -11.37 -7.91 -19.97
C ARG B 36 -12.66 -8.32 -20.69
N ASN B 37 -13.63 -7.41 -20.72
CA ASN B 37 -14.90 -7.66 -21.37
C ASN B 37 -14.74 -7.95 -22.85
N ASN B 38 -13.91 -7.15 -23.52
CA ASN B 38 -13.64 -7.35 -24.93
C ASN B 38 -12.97 -8.70 -25.21
N THR B 39 -12.03 -9.07 -24.34
CA THR B 39 -11.32 -10.33 -24.48
C THR B 39 -12.26 -11.51 -24.29
N ARG B 40 -13.21 -11.36 -23.36
CA ARG B 40 -14.21 -12.40 -23.12
C ARG B 40 -15.03 -12.62 -24.39
N LEU B 41 -15.44 -11.53 -25.03
CA LEU B 41 -16.21 -11.59 -26.27
C LEU B 41 -15.41 -12.27 -27.39
N LEU B 42 -14.14 -11.92 -27.49
CA LEU B 42 -13.25 -12.52 -28.48
C LEU B 42 -13.13 -14.01 -28.28
N LEU B 43 -12.95 -14.43 -27.04
CA LEU B 43 -12.82 -15.84 -26.68
C LEU B 43 -14.11 -16.60 -26.96
N GLU B 44 -15.24 -15.92 -26.78
CA GLU B 44 -16.55 -16.52 -27.07
C GLU B 44 -16.72 -16.73 -28.58
N HIS B 45 -16.26 -15.76 -29.36
CA HIS B 45 -16.34 -15.85 -30.81
C HIS B 45 -15.45 -16.97 -31.33
N LEU B 46 -14.27 -17.11 -30.72
CA LEU B 46 -13.33 -18.15 -31.10
C LEU B 46 -13.89 -19.53 -30.81
N GLU B 47 -14.53 -19.69 -29.65
CA GLU B 47 -15.12 -20.97 -29.26
C GLU B 47 -16.26 -21.35 -30.20
N ALA B 48 -17.03 -20.35 -30.61
CA ALA B 48 -18.13 -20.57 -31.54
C ALA B 48 -17.63 -21.03 -32.91
N LEU B 49 -16.57 -20.37 -33.39
CA LEU B 49 -16.04 -20.66 -34.72
C LEU B 49 -15.40 -22.05 -34.81
N VAL B 50 -14.66 -22.44 -33.77
CA VAL B 50 -13.97 -23.73 -33.78
C VAL B 50 -14.96 -24.89 -33.70
N SER B 51 -15.89 -24.81 -32.75
CA SER B 51 -16.90 -25.85 -32.60
C SER B 51 -18.23 -25.43 -33.19
N SER C 4 6.11 -19.38 -16.61
CA SER C 4 5.07 -20.18 -15.97
C SER C 4 3.84 -19.35 -15.61
N GLU C 5 2.67 -19.84 -15.98
CA GLU C 5 1.41 -19.16 -15.68
C GLU C 5 1.11 -19.19 -14.18
N PHE C 6 1.34 -20.33 -13.55
CA PHE C 6 1.10 -20.49 -12.13
C PHE C 6 1.97 -19.54 -11.31
N GLU C 7 3.21 -19.37 -11.75
CA GLU C 7 4.15 -18.52 -11.02
C GLU C 7 3.68 -17.06 -11.04
N PHE C 8 3.09 -16.65 -12.14
CA PHE C 8 2.54 -15.31 -12.28
C PHE C 8 1.43 -15.09 -11.25
N ALA C 9 0.54 -16.08 -11.14
CA ALA C 9 -0.59 -15.99 -10.24
C ALA C 9 -0.14 -16.03 -8.78
N ALA C 10 0.83 -16.88 -8.48
CA ALA C 10 1.36 -17.00 -7.13
C ALA C 10 2.07 -15.71 -6.70
N MSE C 11 2.85 -15.15 -7.62
CA MSE C 11 3.57 -13.90 -7.38
C MSE C 11 2.60 -12.75 -7.07
O MSE C 11 2.86 -11.91 -6.20
CB MSE C 11 4.44 -13.54 -8.59
CG MSE C 11 5.10 -12.19 -8.51
SE MSE C 11 6.48 -12.10 -7.14
CE MSE C 11 7.66 -13.49 -7.80
N THR C 12 1.49 -12.72 -7.79
CA THR C 12 0.46 -11.72 -7.59
C THR C 12 -0.07 -11.77 -6.14
N LYS C 13 -0.31 -12.98 -5.66
CA LYS C 13 -0.81 -13.17 -4.30
C LYS C 13 0.25 -12.82 -3.25
N GLU C 14 1.50 -13.20 -3.54
CA GLU C 14 2.61 -12.88 -2.64
C GLU C 14 2.79 -11.37 -2.50
N LEU C 15 2.68 -10.67 -3.63
CA LEU C 15 2.85 -9.22 -3.65
C LEU C 15 1.77 -8.53 -2.84
N ASN C 16 0.52 -8.94 -3.04
CA ASN C 16 -0.59 -8.36 -2.30
C ASN C 16 -0.49 -8.62 -0.81
N ALA C 17 -0.01 -9.80 -0.45
CA ALA C 17 0.18 -10.18 0.95
C ALA C 17 1.24 -9.28 1.60
N CYS C 18 2.34 -9.06 0.89
CA CYS C 18 3.41 -8.20 1.39
C CYS C 18 2.92 -6.76 1.52
N ARG C 19 2.15 -6.31 0.53
CA ARG C 19 1.57 -4.97 0.55
C ARG C 19 0.73 -4.74 1.80
N GLU C 20 -0.08 -5.74 2.15
CA GLU C 20 -0.94 -5.66 3.33
C GLU C 20 -0.12 -5.56 4.61
N GLN C 21 0.90 -6.41 4.70
CA GLN C 21 1.78 -6.41 5.87
CA GLN C 21 1.77 -6.41 5.86
C GLN C 21 2.53 -5.09 5.98
N LEU C 22 2.90 -4.52 4.84
CA LEU C 22 3.63 -3.25 4.83
C LEU C 22 2.75 -2.10 5.32
N LEU C 23 1.51 -2.06 4.83
CA LEU C 23 0.57 -1.04 5.26
C LEU C 23 0.34 -1.12 6.76
N GLU C 24 0.29 -2.34 7.27
CA GLU C 24 0.09 -2.58 8.70
C GLU C 24 1.20 -1.95 9.53
N LYS C 25 2.44 -2.05 9.04
CA LYS C 25 3.57 -1.44 9.70
C LYS C 25 3.53 0.08 9.60
N GLU C 26 3.15 0.58 8.43
CA GLU C 26 3.10 2.02 8.19
C GLU C 26 2.06 2.70 9.09
N GLU C 27 0.95 2.01 9.33
CA GLU C 27 -0.09 2.56 10.19
C GLU C 27 0.32 2.49 11.66
N GLU C 28 1.07 1.46 12.03
CA GLU C 28 1.59 1.36 13.39
C GLU C 28 2.57 2.49 13.66
N ILE C 29 3.38 2.80 12.66
CA ILE C 29 4.32 3.91 12.74
C ILE C 29 3.58 5.24 12.89
N SER C 30 2.50 5.39 12.12
CA SER C 30 1.69 6.61 12.17
C SER C 30 1.04 6.80 13.53
N GLU C 31 0.60 5.71 14.14
CA GLU C 31 0.01 5.78 15.47
C GLU C 31 1.05 6.13 16.53
N LEU C 32 2.23 5.55 16.40
CA LEU C 32 3.34 5.82 17.32
C LEU C 32 3.74 7.29 17.28
N LYS C 33 3.76 7.85 16.07
CA LYS C 33 4.12 9.26 15.90
C LYS C 33 3.01 10.18 16.39
N ALA C 34 1.78 9.73 16.28
CA ALA C 34 0.63 10.49 16.78
C ALA C 34 0.67 10.57 18.29
N GLU C 35 0.93 9.43 18.93
CA GLU C 35 1.04 9.38 20.39
C GLU C 35 2.23 10.20 20.86
N ARG C 36 3.34 10.12 20.13
CA ARG C 36 4.54 10.89 20.47
C ARG C 36 4.25 12.39 20.37
N ASN C 37 3.46 12.78 19.38
CA ASN C 37 3.10 14.18 19.20
C ASN C 37 2.33 14.71 20.41
N ASN C 38 1.40 13.90 20.91
CA ASN C 38 0.63 14.28 22.09
C ASN C 38 1.50 14.47 23.33
N THR C 39 2.41 13.53 23.55
CA THR C 39 3.31 13.60 24.70
C THR C 39 4.29 14.75 24.56
N ARG C 40 4.71 15.02 23.32
CA ARG C 40 5.61 16.13 23.06
C ARG C 40 4.95 17.46 23.40
N LEU C 41 3.69 17.61 23.03
CA LEU C 41 2.92 18.79 23.38
C LEU C 41 2.77 18.92 24.90
N LEU C 42 2.50 17.79 25.55
CA LEU C 42 2.33 17.76 27.00
C LEU C 42 3.60 18.20 27.72
N LEU C 43 4.73 17.66 27.27
CA LEU C 43 6.02 17.98 27.90
C LEU C 43 6.43 19.43 27.64
N GLU C 44 6.11 19.93 26.46
CA GLU C 44 6.38 21.33 26.12
C GLU C 44 5.56 22.27 27.00
N HIS C 45 4.32 21.88 27.28
CA HIS C 45 3.43 22.68 28.12
C HIS C 45 3.94 22.67 29.57
N LEU C 46 4.36 21.51 30.03
CA LEU C 46 4.92 21.37 31.38
C LEU C 46 6.18 22.20 31.55
N GLU C 47 7.05 22.16 30.55
CA GLU C 47 8.32 22.89 30.59
C GLU C 47 8.08 24.39 30.54
N ALA C 48 7.03 24.80 29.85
CA ALA C 48 6.69 26.22 29.74
C ALA C 48 6.18 26.77 31.07
N LEU C 49 5.45 25.94 31.81
CA LEU C 49 4.90 26.34 33.10
C LEU C 49 5.99 26.41 34.17
N VAL C 50 6.95 25.49 34.11
CA VAL C 50 8.04 25.45 35.07
C VAL C 50 9.24 26.26 34.58
N PRO D 2 6.45 -12.02 -23.44
CA PRO D 2 6.92 -10.64 -23.50
C PRO D 2 6.19 -9.74 -22.52
N GLY D 3 4.90 -9.50 -22.77
CA GLY D 3 4.08 -8.74 -21.85
C GLY D 3 4.00 -9.43 -20.50
N SER D 4 3.99 -10.75 -20.54
CA SER D 4 4.05 -11.54 -19.32
C SER D 4 5.38 -11.34 -18.60
N GLU D 5 6.46 -11.36 -19.37
CA GLU D 5 7.80 -11.22 -18.82
C GLU D 5 8.05 -9.83 -18.24
N PHE D 6 7.54 -8.81 -18.92
CA PHE D 6 7.68 -7.44 -18.44
C PHE D 6 6.96 -7.24 -17.12
N GLU D 7 5.71 -7.69 -17.07
CA GLU D 7 4.89 -7.54 -15.87
C GLU D 7 5.42 -8.37 -14.71
N PHE D 8 5.89 -9.58 -15.00
CA PHE D 8 6.40 -10.45 -13.95
C PHE D 8 7.66 -9.85 -13.33
N ALA D 9 8.52 -9.30 -14.17
CA ALA D 9 9.75 -8.66 -13.71
C ALA D 9 9.42 -7.47 -12.81
N ALA D 10 8.39 -6.70 -13.20
CA ALA D 10 7.95 -5.56 -12.42
C ALA D 10 7.40 -5.99 -11.07
N MSE D 11 6.62 -7.07 -11.06
CA MSE D 11 6.08 -7.62 -9.82
C MSE D 11 7.18 -8.09 -8.88
O MSE D 11 7.13 -7.83 -7.69
CB MSE D 11 5.14 -8.79 -10.12
CG MSE D 11 3.70 -8.39 -10.36
SE MSE D 11 2.52 -9.91 -10.05
CE MSE D 11 3.22 -11.09 -11.44
N THR D 12 8.16 -8.81 -9.44
CA THR D 12 9.28 -9.32 -8.66
C THR D 12 10.04 -8.19 -8.00
N LYS D 13 10.23 -7.09 -8.74
CA LYS D 13 10.93 -5.93 -8.21
C LYS D 13 10.13 -5.25 -7.10
N GLU D 14 8.81 -5.16 -7.28
CA GLU D 14 7.97 -4.53 -6.27
C GLU D 14 7.89 -5.38 -5.01
N LEU D 15 7.84 -6.70 -5.18
CA LEU D 15 7.78 -7.62 -4.05
C LEU D 15 9.02 -7.50 -3.19
N ASN D 16 10.19 -7.48 -3.84
CA ASN D 16 11.45 -7.36 -3.12
C ASN D 16 11.62 -5.99 -2.49
N ALA D 17 11.10 -4.96 -3.15
CA ALA D 17 11.14 -3.62 -2.59
C ALA D 17 10.25 -3.55 -1.35
N CYS D 18 9.11 -4.23 -1.42
CA CYS D 18 8.18 -4.31 -0.30
C CYS D 18 8.80 -5.04 0.88
N ARG D 19 9.47 -6.16 0.60
CA ARG D 19 10.10 -6.95 1.65
C ARG D 19 11.27 -6.20 2.29
N GLU D 20 11.95 -5.39 1.48
CA GLU D 20 13.03 -4.55 1.99
C GLU D 20 12.46 -3.46 2.89
N GLN D 21 11.32 -2.92 2.50
CA GLN D 21 10.67 -1.87 3.28
C GLN D 21 10.18 -2.39 4.63
N LEU D 22 9.73 -3.64 4.66
CA LEU D 22 9.26 -4.26 5.90
C LEU D 22 10.35 -4.27 6.98
N LEU D 23 11.54 -4.69 6.59
CA LEU D 23 12.69 -4.68 7.49
C LEU D 23 12.99 -3.25 7.96
N GLU D 24 12.82 -2.30 7.05
CA GLU D 24 13.09 -0.89 7.34
C GLU D 24 12.04 -0.33 8.31
N LYS D 25 10.79 -0.68 8.10
CA LYS D 25 9.70 -0.20 8.95
C LYS D 25 9.77 -0.80 10.34
N GLU D 26 10.09 -2.09 10.41
CA GLU D 26 10.18 -2.78 11.70
C GLU D 26 11.32 -2.22 12.54
N GLU D 27 12.36 -1.74 11.86
CA GLU D 27 13.48 -1.11 12.53
C GLU D 27 13.02 0.21 13.17
N GLU D 28 12.18 0.94 12.45
CA GLU D 28 11.66 2.22 12.93
C GLU D 28 10.67 2.02 14.07
N ILE D 29 9.82 1.00 13.95
CA ILE D 29 8.85 0.68 14.99
C ILE D 29 9.56 0.33 16.30
N SER D 30 10.65 -0.42 16.18
CA SER D 30 11.44 -0.82 17.34
C SER D 30 12.03 0.39 18.05
N GLU D 31 12.49 1.36 17.27
CA GLU D 31 13.09 2.57 17.82
C GLU D 31 12.06 3.54 18.39
N LEU D 32 10.87 3.54 17.80
CA LEU D 32 9.77 4.37 18.29
C LEU D 32 9.20 3.82 19.60
N LYS D 33 9.11 2.50 19.69
CA LYS D 33 8.63 1.84 20.90
C LYS D 33 9.61 2.05 22.05
N ALA D 34 10.88 2.17 21.72
CA ALA D 34 11.91 2.43 22.72
C ALA D 34 11.79 3.84 23.28
N GLU D 35 11.62 4.81 22.38
CA GLU D 35 11.45 6.21 22.77
C GLU D 35 10.18 6.39 23.59
N ARG D 36 9.11 5.70 23.18
CA ARG D 36 7.83 5.80 23.86
C ARG D 36 7.90 5.24 25.28
N ASN D 37 8.64 4.15 25.45
CA ASN D 37 8.81 3.54 26.77
C ASN D 37 9.56 4.45 27.73
N ASN D 38 10.59 5.12 27.24
CA ASN D 38 11.34 6.07 28.05
C ASN D 38 10.50 7.28 28.43
N THR D 39 9.60 7.68 27.53
CA THR D 39 8.69 8.78 27.79
C THR D 39 7.63 8.36 28.81
N ARG D 40 7.20 7.11 28.72
CA ARG D 40 6.29 6.52 29.70
C ARG D 40 6.84 6.65 31.11
N LEU D 41 8.10 6.26 31.27
CA LEU D 41 8.77 6.30 32.57
C LEU D 41 8.91 7.73 33.09
N LEU D 42 9.26 8.66 32.21
CA LEU D 42 9.40 10.06 32.57
C LEU D 42 8.07 10.61 33.07
N LEU D 43 6.99 10.29 32.36
CA LEU D 43 5.67 10.78 32.71
C LEU D 43 5.16 10.15 34.01
N GLU D 44 5.39 8.86 34.19
CA GLU D 44 5.02 8.18 35.42
C GLU D 44 5.79 8.76 36.61
N HIS D 45 7.04 9.14 36.35
CA HIS D 45 7.88 9.74 37.39
C HIS D 45 7.37 11.13 37.74
N LEU D 46 6.96 11.88 36.72
CA LEU D 46 6.40 13.21 36.93
C LEU D 46 5.10 13.14 37.72
N GLU D 47 4.29 12.13 37.42
CA GLU D 47 3.00 11.96 38.09
C GLU D 47 3.19 11.68 39.58
N ALA D 48 4.22 10.91 39.90
CA ALA D 48 4.51 10.55 41.29
C ALA D 48 4.91 11.77 42.11
N LEU D 49 5.69 12.65 41.50
CA LEU D 49 6.19 13.85 42.20
C LEU D 49 5.10 14.87 42.47
N VAL D 50 4.33 15.20 41.44
CA VAL D 50 3.34 16.26 41.53
C VAL D 50 2.06 15.78 42.24
N SER D 51 1.97 14.47 42.47
CA SER D 51 0.83 13.93 43.22
C SER D 51 1.29 13.42 44.59
C1 GOL E . 9.20 -15.96 -15.37
O1 GOL E . 10.03 -16.04 -16.51
C2 GOL E . 7.81 -16.51 -15.70
O2 GOL E . 7.39 -17.38 -14.69
C3 GOL E . 6.83 -15.35 -15.83
O3 GOL E . 5.52 -15.84 -15.70
#